data_8XBO
#
_entry.id   8XBO
#
_cell.length_a   97.899
_cell.length_b   99.210
_cell.length_c   111.214
_cell.angle_alpha   90.00
_cell.angle_beta   90.00
_cell.angle_gamma   90.00
#
_symmetry.space_group_name_H-M   'I 2 2 2'
#
loop_
_entity.id
_entity.type
_entity.pdbx_description
1 polymer 'Benzoylformate decarboxylase'
2 non-polymer 'THIAMINE DIPHOSPHATE'
3 non-polymer 'MAGNESIUM ION'
4 water water
#
_entity_poly.entity_id   1
_entity_poly.type   'polypeptide(L)'
_entity_poly.pdbx_seq_one_letter_code
;MASVHGTTYELLRRQGIDTVFGNPGFNELPFLKDFPEDFRYILALQEACVVGIADGYAQASRKPAFINLHSAAGTGNAMG
ALSNARTSHSPLIVTAGQQTRAMIGVEAGETNVDAANLPRPLVKWSYEPASAAEVPHAMSRAIHMASMAPQGPVYLSVPY
DDWDKDADPQSHHLFDRHVSSSVRLNDQDLDILVKALNSASNPAIVLGPDVDAANANADCVMLAERLKAPVWVAPSAPRC
PFPTRHPCFRGLMPAGIAAISQLLEGHDVVLVIGAPVFRYYQYDPGQYLKPGTRLISVTCDPLEAARAPMGDAIVADIGA
MASALANLVEESSRQLPTAAPEPAKVDQDAGRLHPETVFDTLNDMAPENAIYLNESTSTTAQMWQRLNMRNPGSYYFCAA
GGLGFALPAAIGVQLAEPERQVIAVIGDGSANYSISALWTAAQYNIPTIFVIMNNGTYGMLRQFAGLLEAENVPGLDVPG
IDFRALAKGYGVQALKADNLEQLKGSLQEALSAKGPVLIEVSTVSPVK
;
_entity_poly.pdbx_strand_id   A
#
loop_
_chem_comp.id
_chem_comp.type
_chem_comp.name
_chem_comp.formula
MG non-polymer 'MAGNESIUM ION' 'Mg 2'
TPP non-polymer 'THIAMINE DIPHOSPHATE' 'C12 H19 N4 O7 P2 S 1'
#
# COMPACT_ATOMS: atom_id res chain seq x y z
N ALA A 2 14.54 -34.78 -8.31
CA ALA A 2 13.76 -33.86 -7.48
C ALA A 2 12.64 -33.15 -8.25
N SER A 3 12.97 -32.68 -9.45
CA SER A 3 12.06 -31.98 -10.36
C SER A 3 11.89 -30.52 -9.99
N VAL A 4 11.55 -29.71 -10.99
CA VAL A 4 11.42 -28.26 -10.79
C VAL A 4 10.29 -27.96 -9.81
N HIS A 5 9.15 -28.61 -10.00
CA HIS A 5 7.99 -28.41 -9.13
C HIS A 5 8.37 -28.63 -7.67
N GLY A 6 8.96 -29.79 -7.35
CA GLY A 6 9.33 -30.06 -5.98
C GLY A 6 10.40 -29.12 -5.46
N THR A 7 11.37 -28.77 -6.31
CA THR A 7 12.45 -27.92 -5.87
C THR A 7 11.98 -26.50 -5.62
N THR A 8 11.12 -25.97 -6.50
CA THR A 8 10.61 -24.62 -6.31
C THR A 8 9.83 -24.49 -5.01
N TYR A 9 8.95 -25.46 -4.73
CA TYR A 9 8.15 -25.40 -3.51
C TYR A 9 9.02 -25.53 -2.27
N GLU A 10 10.10 -26.29 -2.37
CA GLU A 10 11.08 -26.31 -1.30
C GLU A 10 11.77 -24.96 -1.16
N LEU A 11 12.05 -24.30 -2.28
CA LEU A 11 12.71 -23.01 -2.20
C LEU A 11 11.80 -21.96 -1.60
N LEU A 12 10.50 -22.00 -1.93
CA LEU A 12 9.57 -21.02 -1.40
C LEU A 12 9.43 -21.16 0.11
N ARG A 13 9.22 -22.38 0.60
CA ARG A 13 9.10 -22.59 2.04
C ARG A 13 10.41 -22.23 2.75
N ARG A 14 11.55 -22.54 2.14
CA ARG A 14 12.83 -22.17 2.73
C ARG A 14 13.03 -20.66 2.72
N GLN A 15 12.43 -19.97 1.75
CA GLN A 15 12.41 -18.51 1.73
C GLN A 15 11.24 -17.94 2.53
N GLY A 16 10.47 -18.77 3.22
CA GLY A 16 9.47 -18.28 4.15
C GLY A 16 8.08 -18.03 3.58
N ILE A 17 7.80 -18.50 2.37
CA ILE A 17 6.51 -18.30 1.74
C ILE A 17 5.68 -19.56 1.89
N ASP A 18 4.46 -19.41 2.45
CA ASP A 18 3.53 -20.52 2.57
C ASP A 18 2.16 -20.23 1.95
N THR A 19 2.00 -19.10 1.28
CA THR A 19 0.70 -18.70 0.74
C THR A 19 0.82 -18.34 -0.73
N VAL A 20 -0.15 -18.79 -1.52
CA VAL A 20 -0.21 -18.49 -2.95
C VAL A 20 -1.53 -17.78 -3.22
N PHE A 21 -1.44 -16.53 -3.66
CA PHE A 21 -2.61 -15.77 -4.08
C PHE A 21 -2.76 -15.90 -5.59
N GLY A 22 -3.83 -16.55 -6.03
CA GLY A 22 -3.95 -16.77 -7.45
C GLY A 22 -5.36 -16.81 -7.99
N ASN A 23 -5.44 -16.74 -9.31
CA ASN A 23 -6.62 -17.14 -10.06
C ASN A 23 -6.16 -18.19 -11.07
N PRO A 24 -6.67 -19.42 -11.00
CA PRO A 24 -6.03 -20.52 -11.73
C PRO A 24 -6.23 -20.42 -13.24
N GLY A 25 -5.35 -21.12 -13.95
CA GLY A 25 -5.42 -21.19 -15.40
C GLY A 25 -4.75 -22.45 -15.88
N PHE A 26 -4.90 -22.72 -17.18
CA PHE A 26 -4.44 -23.98 -17.73
C PHE A 26 -2.92 -24.10 -17.67
N ASN A 27 -2.19 -23.04 -18.06
CA ASN A 27 -0.74 -23.04 -17.97
C ASN A 27 -0.23 -23.19 -16.53
N GLU A 28 -1.09 -22.99 -15.54
CA GLU A 28 -0.68 -23.02 -14.15
C GLU A 28 -0.96 -24.36 -13.47
N LEU A 29 -1.69 -25.26 -14.13
CA LEU A 29 -2.04 -26.53 -13.50
C LEU A 29 -0.82 -27.39 -13.15
N PRO A 30 0.18 -27.57 -14.02
CA PRO A 30 1.34 -28.38 -13.63
C PRO A 30 2.13 -27.80 -12.47
N PHE A 31 1.99 -26.51 -12.22
CA PHE A 31 2.56 -25.91 -11.02
C PHE A 31 1.61 -26.07 -9.83
N LEU A 32 0.31 -25.95 -10.07
CA LEU A 32 -0.68 -25.98 -8.99
C LEU A 32 -0.94 -27.40 -8.49
N LYS A 33 -0.81 -28.39 -9.36
CA LYS A 33 -1.05 -29.77 -8.98
C LYS A 33 -0.09 -30.20 -7.87
N ASP A 34 -0.50 -31.24 -7.15
CA ASP A 34 0.27 -31.78 -6.03
C ASP A 34 0.61 -30.67 -5.03
N PHE A 35 -0.38 -29.84 -4.75
CA PHE A 35 -0.20 -28.68 -3.90
C PHE A 35 0.24 -29.12 -2.49
N PRO A 36 1.34 -28.59 -1.98
CA PRO A 36 1.84 -29.05 -0.67
C PRO A 36 0.90 -28.71 0.46
N GLU A 37 0.73 -29.67 1.38
CA GLU A 37 -0.17 -29.48 2.51
C GLU A 37 0.21 -28.28 3.37
N ASP A 38 1.51 -27.96 3.42
CA ASP A 38 1.99 -26.82 4.21
C ASP A 38 1.70 -25.48 3.54
N PHE A 39 1.27 -25.47 2.30
CA PHE A 39 0.92 -24.24 1.60
C PHE A 39 -0.60 -24.03 1.65
N ARG A 40 -1.02 -22.79 1.36
CA ARG A 40 -2.43 -22.45 1.34
C ARG A 40 -2.70 -21.53 0.15
N TYR A 41 -3.80 -21.79 -0.55
CA TYR A 41 -4.14 -21.10 -1.78
C TYR A 41 -5.31 -20.16 -1.50
N ILE A 42 -5.11 -18.87 -1.77
CA ILE A 42 -6.16 -17.87 -1.65
C ILE A 42 -6.63 -17.52 -3.05
N LEU A 43 -7.92 -17.77 -3.32
CA LEU A 43 -8.47 -17.60 -4.65
C LEU A 43 -9.30 -16.32 -4.71
N ALA A 44 -9.06 -15.52 -5.74
CA ALA A 44 -9.88 -14.36 -6.04
C ALA A 44 -10.39 -14.48 -7.47
N LEU A 45 -11.52 -13.81 -7.74
CA LEU A 45 -12.20 -14.00 -9.00
C LEU A 45 -11.67 -13.13 -10.12
N GLN A 46 -10.87 -12.11 -9.81
CA GLN A 46 -10.27 -11.26 -10.82
C GLN A 46 -8.84 -10.95 -10.40
N GLU A 47 -7.94 -10.87 -11.38
CA GLU A 47 -6.52 -10.79 -11.07
C GLU A 47 -6.16 -9.47 -10.40
N ALA A 48 -6.94 -8.41 -10.63
CA ALA A 48 -6.74 -7.19 -9.85
C ALA A 48 -7.01 -7.45 -8.37
N CYS A 49 -8.01 -8.26 -8.06
CA CYS A 49 -8.27 -8.63 -6.67
C CYS A 49 -7.17 -9.53 -6.14
N VAL A 50 -6.66 -10.43 -6.98
CA VAL A 50 -5.60 -11.33 -6.54
C VAL A 50 -4.41 -10.53 -6.05
N VAL A 51 -3.91 -9.61 -6.87
CA VAL A 51 -2.72 -8.84 -6.51
C VAL A 51 -3.02 -7.91 -5.35
N GLY A 52 -4.23 -7.34 -5.33
CA GLY A 52 -4.60 -6.44 -4.25
C GLY A 52 -4.61 -7.13 -2.90
N ILE A 53 -5.15 -8.36 -2.85
CA ILE A 53 -5.12 -9.12 -1.60
C ILE A 53 -3.67 -9.40 -1.20
N ALA A 54 -2.89 -9.94 -2.12
CA ALA A 54 -1.48 -10.19 -1.85
C ALA A 54 -0.76 -8.93 -1.43
N ASP A 55 -1.12 -7.80 -2.06
CA ASP A 55 -0.42 -6.55 -1.75
C ASP A 55 -0.68 -6.14 -0.31
N GLY A 56 -1.94 -6.09 0.10
CA GLY A 56 -2.24 -5.76 1.49
C GLY A 56 -1.60 -6.73 2.46
N TYR A 57 -1.67 -8.03 2.14
CA TYR A 57 -1.01 -9.03 2.95
C TYR A 57 0.49 -8.73 3.08
N ALA A 58 1.14 -8.40 1.97
CA ALA A 58 2.59 -8.15 2.03
C ALA A 58 2.90 -6.87 2.79
N GLN A 59 2.08 -5.83 2.61
CA GLN A 59 2.36 -4.55 3.26
C GLN A 59 2.17 -4.65 4.77
N ALA A 60 1.14 -5.38 5.22
CA ALA A 60 0.94 -5.55 6.66
C ALA A 60 1.94 -6.55 7.23
N SER A 61 2.20 -7.65 6.53
CA SER A 61 3.18 -8.63 6.99
C SER A 61 4.59 -8.07 6.97
N ARG A 62 4.87 -7.12 6.08
CA ARG A 62 6.23 -6.66 5.80
C ARG A 62 7.12 -7.82 5.37
N LYS A 63 6.56 -8.73 4.55
CA LYS A 63 7.21 -9.89 3.96
C LYS A 63 6.81 -10.00 2.49
N PRO A 64 7.53 -10.76 1.67
CA PRO A 64 7.10 -10.97 0.28
C PRO A 64 5.80 -11.77 0.22
N ALA A 65 5.08 -11.60 -0.90
CA ALA A 65 3.86 -12.33 -1.20
C ALA A 65 3.98 -12.95 -2.58
N PHE A 66 3.47 -14.17 -2.73
CA PHE A 66 3.60 -14.95 -3.94
C PHE A 66 2.27 -15.02 -4.66
N ILE A 67 2.28 -14.68 -5.95
CA ILE A 67 1.07 -14.64 -6.77
C ILE A 67 1.25 -15.61 -7.94
N ASN A 68 0.14 -16.20 -8.38
CA ASN A 68 0.11 -17.04 -9.57
C ASN A 68 -1.05 -16.62 -10.46
N LEU A 69 -0.73 -16.13 -11.65
CA LEU A 69 -1.71 -15.62 -12.59
C LEU A 69 -1.65 -16.42 -13.88
N HIS A 70 -2.66 -16.25 -14.74
CA HIS A 70 -2.76 -17.00 -15.99
C HIS A 70 -2.31 -16.14 -17.16
N SER A 71 -1.12 -16.40 -17.66
CA SER A 71 -0.62 -15.89 -18.95
C SER A 71 -0.78 -14.37 -19.03
N ALA A 72 -0.96 -13.86 -20.25
CA ALA A 72 -1.04 -12.42 -20.46
C ALA A 72 -2.36 -11.85 -19.96
N ALA A 73 -3.47 -12.53 -20.29
CA ALA A 73 -4.79 -12.06 -19.87
C ALA A 73 -4.88 -11.90 -18.36
N GLY A 74 -4.41 -12.90 -17.61
CA GLY A 74 -4.38 -12.77 -16.16
C GLY A 74 -3.37 -11.75 -15.69
N THR A 75 -2.21 -11.67 -16.36
CA THR A 75 -1.24 -10.64 -16.02
C THR A 75 -1.78 -9.26 -16.37
N GLY A 76 -2.44 -9.14 -17.52
CA GLY A 76 -2.97 -7.85 -17.92
C GLY A 76 -4.01 -7.30 -16.97
N ASN A 77 -4.95 -8.16 -16.53
CA ASN A 77 -5.99 -7.72 -15.59
C ASN A 77 -5.41 -7.21 -14.28
N ALA A 78 -4.19 -7.62 -13.93
CA ALA A 78 -3.56 -7.23 -12.68
C ALA A 78 -2.65 -6.01 -12.82
N MET A 79 -2.59 -5.38 -14.00
CA MET A 79 -1.58 -4.35 -14.23
C MET A 79 -1.86 -3.08 -13.45
N GLY A 80 -3.15 -2.70 -13.36
CA GLY A 80 -3.51 -1.56 -12.53
C GLY A 80 -3.08 -1.75 -11.09
N ALA A 81 -3.34 -2.93 -10.54
CA ALA A 81 -2.87 -3.23 -9.19
C ALA A 81 -1.36 -3.18 -9.10
N LEU A 82 -0.66 -3.71 -10.11
CA LEU A 82 0.79 -3.67 -10.10
C LEU A 82 1.31 -2.25 -10.13
N SER A 83 0.55 -1.33 -10.75
CA SER A 83 0.93 0.07 -10.76
C SER A 83 0.93 0.64 -9.35
N ASN A 84 -0.16 0.43 -8.59
CA ASN A 84 -0.14 0.77 -7.16
C ASN A 84 1.00 0.06 -6.45
N ALA A 85 1.21 -1.22 -6.78
CA ALA A 85 2.20 -2.04 -6.09
C ALA A 85 3.62 -1.59 -6.35
N ARG A 86 3.84 -0.77 -7.39
CA ARG A 86 5.19 -0.24 -7.63
C ARG A 86 5.45 0.98 -6.75
N THR A 87 4.47 1.89 -6.63
CA THR A 87 4.70 3.10 -5.86
C THR A 87 4.72 2.85 -4.35
N SER A 88 3.93 1.87 -3.88
CA SER A 88 4.18 1.27 -2.58
C SER A 88 5.31 0.28 -2.78
N HIS A 89 6.38 0.42 -2.02
CA HIS A 89 7.51 -0.46 -2.31
C HIS A 89 7.17 -1.87 -1.83
N SER A 90 6.29 -2.54 -2.58
CA SER A 90 5.63 -3.77 -2.15
C SER A 90 6.34 -4.98 -2.68
N PRO A 91 6.79 -5.89 -1.83
CA PRO A 91 7.52 -7.06 -2.31
C PRO A 91 6.58 -8.14 -2.85
N LEU A 92 6.41 -8.19 -4.16
CA LEU A 92 5.44 -9.09 -4.78
C LEU A 92 6.14 -9.96 -5.82
N ILE A 93 5.97 -11.27 -5.69
CA ILE A 93 6.51 -12.23 -6.65
C ILE A 93 5.36 -12.65 -7.55
N VAL A 94 5.25 -12.02 -8.71
CA VAL A 94 4.16 -12.29 -9.64
C VAL A 94 4.63 -13.34 -10.65
N THR A 95 4.03 -14.52 -10.61
CA THR A 95 4.34 -15.58 -11.56
C THR A 95 3.14 -15.80 -12.48
N ALA A 96 3.42 -16.08 -13.75
CA ALA A 96 2.38 -16.40 -14.73
C ALA A 96 2.79 -17.64 -15.51
N GLY A 97 1.84 -18.55 -15.69
CA GLY A 97 2.11 -19.73 -16.50
C GLY A 97 2.14 -19.38 -17.98
N GLN A 98 3.05 -20.05 -18.68
CA GLN A 98 3.27 -19.86 -20.10
C GLN A 98 3.07 -21.20 -20.81
N GLN A 99 2.74 -21.14 -22.09
CA GLN A 99 2.47 -22.36 -22.85
C GLN A 99 3.73 -23.25 -22.93
N THR A 100 3.53 -24.49 -23.39
CA THR A 100 4.67 -25.38 -23.59
C THR A 100 5.69 -24.74 -24.51
N ARG A 101 6.97 -24.81 -24.12
CA ARG A 101 8.05 -24.24 -24.91
C ARG A 101 7.92 -24.62 -26.38
N ALA A 102 7.52 -25.86 -26.67
CA ALA A 102 7.41 -26.34 -28.04
C ALA A 102 6.38 -25.58 -28.86
N MET A 103 5.40 -24.93 -28.24
CA MET A 103 4.36 -24.25 -29.00
C MET A 103 4.42 -22.74 -28.87
N ILE A 104 5.36 -22.20 -28.10
CA ILE A 104 5.40 -20.75 -27.92
C ILE A 104 5.66 -20.03 -29.25
N GLY A 105 6.64 -20.51 -30.02
CA GLY A 105 6.92 -19.87 -31.30
C GLY A 105 5.75 -19.96 -32.27
N VAL A 106 5.00 -21.06 -32.21
CA VAL A 106 3.78 -21.20 -33.00
C VAL A 106 2.74 -20.17 -32.60
N GLU A 107 2.82 -19.66 -31.37
CA GLU A 107 1.78 -18.86 -30.72
C GLU A 107 0.45 -19.64 -30.68
N ALA A 108 0.46 -20.67 -29.84
CA ALA A 108 -0.78 -21.38 -29.55
C ALA A 108 -1.60 -20.60 -28.53
N GLY A 109 -2.90 -20.89 -28.47
CA GLY A 109 -3.79 -20.22 -27.53
C GLY A 109 -3.21 -20.19 -26.12
N GLU A 110 -3.30 -19.04 -25.46
CA GLU A 110 -2.78 -18.72 -24.11
C GLU A 110 -1.28 -18.50 -24.08
N THR A 111 -0.64 -18.31 -25.24
CA THR A 111 0.76 -17.97 -25.28
C THR A 111 0.93 -16.51 -24.89
N ASN A 112 1.85 -16.25 -23.98
CA ASN A 112 2.19 -14.90 -23.57
C ASN A 112 3.34 -14.42 -24.46
N VAL A 113 3.02 -13.62 -25.48
CA VAL A 113 4.07 -13.18 -26.46
C VAL A 113 4.87 -12.01 -25.87
N ASP A 114 6.20 -12.07 -25.96
CA ASP A 114 7.07 -11.04 -25.30
C ASP A 114 6.58 -10.92 -23.86
N ALA A 115 6.62 -12.03 -23.12
CA ALA A 115 6.06 -12.06 -21.74
C ALA A 115 6.80 -11.10 -20.82
N ALA A 116 8.19 -11.10 -20.94
CA ALA A 116 8.82 -10.24 -19.92
C ALA A 116 8.54 -8.77 -20.18
N ASN A 117 8.06 -8.42 -21.36
CA ASN A 117 7.85 -6.97 -21.63
C ASN A 117 6.47 -6.52 -21.14
N LEU A 118 5.53 -7.46 -20.97
CA LEU A 118 4.13 -7.05 -20.63
C LEU A 118 4.02 -6.32 -19.28
N PRO A 119 4.66 -6.78 -18.17
CA PRO A 119 4.64 -6.08 -16.88
C PRO A 119 5.33 -4.71 -16.94
N ARG A 120 6.41 -4.62 -17.70
CA ARG A 120 7.22 -3.38 -17.75
C ARG A 120 6.36 -2.22 -18.27
N PRO A 121 6.50 -1.00 -17.72
CA PRO A 121 7.63 -0.64 -16.87
C PRO A 121 7.34 -0.57 -15.38
N LEU A 122 6.35 -1.35 -14.91
CA LEU A 122 5.90 -1.26 -13.49
C LEU A 122 6.62 -2.27 -12.60
N VAL A 123 7.49 -3.11 -13.18
CA VAL A 123 8.15 -4.19 -12.38
C VAL A 123 9.66 -3.93 -12.34
N LYS A 124 10.26 -4.10 -11.16
CA LYS A 124 11.74 -3.98 -11.06
C LYS A 124 12.37 -5.07 -11.94
N TRP A 125 11.81 -6.28 -11.96
CA TRP A 125 12.43 -7.39 -12.72
C TRP A 125 11.40 -8.25 -13.45
N SER A 126 11.63 -8.53 -14.73
CA SER A 126 10.77 -9.42 -15.48
C SER A 126 11.65 -10.40 -16.25
N TYR A 127 11.26 -11.67 -16.25
CA TYR A 127 12.13 -12.71 -16.79
C TYR A 127 11.31 -13.93 -17.20
N GLU A 128 11.81 -14.61 -18.23
CA GLU A 128 11.29 -15.91 -18.65
C GLU A 128 12.48 -16.84 -18.75
N PRO A 129 12.56 -17.89 -17.93
CA PRO A 129 13.75 -18.75 -17.94
C PRO A 129 13.96 -19.41 -19.30
N ALA A 130 15.24 -19.63 -19.62
CA ALA A 130 15.60 -20.25 -20.90
C ALA A 130 15.54 -21.76 -20.85
N SER A 131 15.70 -22.35 -19.68
CA SER A 131 15.68 -23.79 -19.51
C SER A 131 14.86 -24.16 -18.28
N ALA A 132 14.19 -25.30 -18.34
CA ALA A 132 13.37 -25.72 -17.21
C ALA A 132 14.19 -25.83 -15.94
N ALA A 133 15.42 -26.35 -16.05
CA ALA A 133 16.25 -26.53 -14.86
C ALA A 133 16.69 -25.21 -14.26
N GLU A 134 16.61 -24.11 -15.03
CA GLU A 134 16.95 -22.79 -14.53
C GLU A 134 15.81 -22.17 -13.74
N VAL A 135 14.59 -22.71 -13.86
CA VAL A 135 13.43 -22.10 -13.21
C VAL A 135 13.66 -21.83 -11.73
N PRO A 136 14.14 -22.79 -10.92
CA PRO A 136 14.36 -22.49 -9.49
C PRO A 136 15.28 -21.29 -9.29
N HIS A 137 16.40 -21.24 -10.00
CA HIS A 137 17.29 -20.09 -9.92
C HIS A 137 16.55 -18.81 -10.26
N ALA A 138 15.71 -18.85 -11.30
CA ALA A 138 14.93 -17.67 -11.67
C ALA A 138 14.00 -17.26 -10.53
N MET A 139 13.30 -18.23 -9.94
CA MET A 139 12.47 -17.93 -8.78
C MET A 139 13.29 -17.31 -7.66
N SER A 140 14.52 -17.79 -7.47
CA SER A 140 15.39 -17.23 -6.44
C SER A 140 15.67 -15.76 -6.70
N ARG A 141 16.08 -15.40 -7.93
CA ARG A 141 16.22 -13.99 -8.29
C ARG A 141 14.93 -13.23 -8.03
N ALA A 142 13.79 -13.79 -8.44
CA ALA A 142 12.51 -13.11 -8.27
C ALA A 142 12.26 -12.76 -6.81
N ILE A 143 12.50 -13.72 -5.91
CA ILE A 143 12.26 -13.48 -4.47
C ILE A 143 13.19 -12.34 -3.99
N HIS A 144 14.49 -12.48 -4.22
CA HIS A 144 15.45 -11.47 -3.70
C HIS A 144 15.19 -10.11 -4.34
N MET A 145 14.97 -10.09 -5.66
CA MET A 145 14.73 -8.81 -6.37
C MET A 145 13.58 -8.07 -5.66
N ALA A 146 12.45 -8.77 -5.44
CA ALA A 146 11.33 -8.13 -4.72
C ALA A 146 11.71 -7.77 -3.29
N SER A 147 12.40 -8.66 -2.58
CA SER A 147 12.79 -8.42 -1.16
C SER A 147 13.79 -7.26 -1.02
N MET A 148 14.76 -7.16 -1.92
CA MET A 148 15.84 -6.14 -1.78
C MET A 148 15.30 -4.71 -1.94
N ALA A 149 15.86 -3.77 -1.18
CA ALA A 149 15.47 -2.35 -1.31
C ALA A 149 15.91 -1.81 -2.67
N PRO A 150 15.12 -0.91 -3.30
CA PRO A 150 13.76 -0.64 -2.85
C PRO A 150 12.83 -1.78 -3.21
N GLN A 151 11.98 -2.21 -2.28
CA GLN A 151 11.13 -3.40 -2.53
C GLN A 151 10.17 -3.11 -3.68
N GLY A 152 9.93 -4.09 -4.53
CA GLY A 152 9.10 -3.84 -5.73
C GLY A 152 8.47 -5.09 -6.29
N PRO A 153 7.45 -4.95 -7.16
CA PRO A 153 6.87 -6.12 -7.82
C PRO A 153 7.83 -6.72 -8.84
N VAL A 154 7.82 -8.05 -8.98
CA VAL A 154 8.66 -8.75 -9.94
C VAL A 154 7.78 -9.74 -10.68
N TYR A 155 8.26 -10.20 -11.84
CA TYR A 155 7.47 -11.02 -12.75
C TYR A 155 8.32 -12.15 -13.30
N LEU A 156 7.76 -13.35 -13.33
CA LEU A 156 8.42 -14.54 -13.85
C LEU A 156 7.40 -15.36 -14.62
N SER A 157 7.66 -15.56 -15.90
CA SER A 157 6.81 -16.40 -16.75
C SER A 157 7.47 -17.76 -16.91
N VAL A 158 6.72 -18.82 -16.59
CA VAL A 158 7.24 -20.19 -16.58
C VAL A 158 6.41 -21.05 -17.51
N PRO A 159 6.98 -21.60 -18.59
CA PRO A 159 6.25 -22.57 -19.42
C PRO A 159 5.83 -23.78 -18.60
N TYR A 160 4.62 -24.29 -18.91
CA TYR A 160 4.02 -25.27 -18.01
C TYR A 160 4.68 -26.64 -18.10
N ASP A 161 5.46 -26.90 -19.14
CA ASP A 161 6.18 -28.17 -19.22
C ASP A 161 7.42 -28.20 -18.35
N ASP A 162 7.79 -27.07 -17.75
CA ASP A 162 9.03 -27.03 -16.98
C ASP A 162 8.89 -27.71 -15.63
N TRP A 163 7.69 -27.70 -15.07
CA TRP A 163 7.54 -28.11 -13.67
C TRP A 163 7.81 -29.60 -13.47
N ASP A 164 7.53 -30.42 -14.49
CA ASP A 164 7.77 -31.85 -14.37
C ASP A 164 9.21 -32.24 -14.68
N LYS A 165 9.95 -31.39 -15.39
CA LYS A 165 11.32 -31.75 -15.75
C LYS A 165 12.21 -31.80 -14.50
N ASP A 166 13.35 -32.48 -14.64
CA ASP A 166 14.28 -32.61 -13.51
C ASP A 166 14.95 -31.26 -13.23
N ALA A 167 15.02 -30.91 -11.95
CA ALA A 167 15.71 -29.69 -11.54
C ALA A 167 17.21 -29.92 -11.48
N ASP A 168 17.95 -28.83 -11.51
CA ASP A 168 19.39 -28.91 -11.34
C ASP A 168 19.72 -29.35 -9.92
N PRO A 169 20.63 -30.33 -9.74
CA PRO A 169 20.96 -30.74 -8.37
C PRO A 169 21.61 -29.65 -7.54
N GLN A 170 22.24 -28.66 -8.19
CA GLN A 170 22.85 -27.56 -7.46
C GLN A 170 21.84 -26.53 -6.98
N SER A 171 20.59 -26.62 -7.41
CA SER A 171 19.56 -25.66 -6.99
C SER A 171 19.39 -25.61 -5.47
N HIS A 172 19.87 -26.63 -4.74
CA HIS A 172 19.73 -26.62 -3.29
C HIS A 172 20.52 -25.48 -2.65
N HIS A 173 21.57 -25.00 -3.30
CA HIS A 173 22.31 -23.85 -2.78
C HIS A 173 21.43 -22.60 -2.71
N LEU A 174 20.29 -22.60 -3.39
CA LEU A 174 19.42 -21.42 -3.39
C LEU A 174 18.58 -21.34 -2.12
N PHE A 175 18.34 -22.47 -1.44
CA PHE A 175 17.27 -22.52 -0.43
C PHE A 175 17.50 -21.53 0.69
N ASP A 176 18.71 -21.51 1.26
CA ASP A 176 19.00 -20.70 2.43
C ASP A 176 19.75 -19.40 2.09
N ARG A 177 19.60 -18.90 0.87
CA ARG A 177 20.26 -17.65 0.51
C ARG A 177 19.54 -16.47 1.17
N HIS A 178 20.34 -15.59 1.78
CA HIS A 178 19.83 -14.44 2.51
C HIS A 178 20.62 -13.21 2.08
N VAL A 179 19.94 -12.20 1.57
CA VAL A 179 20.57 -10.96 1.15
C VAL A 179 20.09 -9.82 2.03
N SER A 180 21.03 -9.09 2.60
CA SER A 180 20.70 -8.02 3.53
C SER A 180 20.77 -6.67 2.82
N SER A 181 19.82 -5.79 3.17
CA SER A 181 19.79 -4.43 2.66
C SER A 181 19.78 -3.42 3.81
N SER A 182 20.05 -3.88 5.04
CA SER A 182 19.95 -3.03 6.23
C SER A 182 21.21 -2.19 6.35
N VAL A 183 21.28 -1.15 5.53
CA VAL A 183 22.50 -0.37 5.42
C VAL A 183 22.21 1.06 5.84
N ARG A 184 23.25 1.73 6.32
CA ARG A 184 23.14 3.07 6.87
C ARG A 184 24.38 3.86 6.49
N LEU A 185 24.26 5.19 6.59
CA LEU A 185 25.34 6.09 6.21
C LEU A 185 26.55 5.88 7.11
N ASN A 186 27.73 5.90 6.49
CA ASN A 186 29.00 5.70 7.22
C ASN A 186 29.12 6.67 8.38
N ASP A 187 29.93 6.31 9.39
CA ASP A 187 30.01 7.12 10.61
C ASP A 187 30.43 8.55 10.33
N GLN A 188 31.37 8.74 9.40
CA GLN A 188 31.89 10.09 9.18
C GLN A 188 30.82 11.00 8.58
N ASP A 189 30.08 10.51 7.60
CA ASP A 189 29.02 11.34 7.01
C ASP A 189 27.81 11.40 7.92
N LEU A 190 27.51 10.30 8.62
CA LEU A 190 26.37 10.29 9.53
C LEU A 190 26.57 11.32 10.65
N ASP A 191 27.76 11.36 11.23
CA ASP A 191 28.02 12.32 12.30
C ASP A 191 27.92 13.77 11.79
N ILE A 192 28.28 14.01 10.53
CA ILE A 192 28.04 15.33 9.94
C ILE A 192 26.55 15.64 9.92
N LEU A 193 25.74 14.70 9.46
CA LEU A 193 24.29 14.89 9.43
C LEU A 193 23.75 15.14 10.83
N VAL A 194 24.16 14.32 11.80
CA VAL A 194 23.70 14.49 13.18
C VAL A 194 24.06 15.87 13.69
N LYS A 195 25.26 16.35 13.37
CA LYS A 195 25.67 17.68 13.82
C LYS A 195 24.81 18.76 13.18
N ALA A 196 24.29 18.52 11.97
CA ALA A 196 23.45 19.50 11.31
C ALA A 196 22.04 19.53 11.91
N LEU A 197 21.53 18.37 12.33
CA LEU A 197 20.21 18.33 12.95
C LEU A 197 20.23 19.00 14.32
N ASN A 198 21.30 18.77 15.10
CA ASN A 198 21.42 19.44 16.38
C ASN A 198 21.62 20.95 16.22
N SER A 199 22.27 21.37 15.13
CA SER A 199 22.53 22.78 14.90
C SER A 199 21.29 23.53 14.42
N ALA A 200 20.34 22.84 13.81
CA ALA A 200 19.19 23.50 13.22
C ALA A 200 18.38 24.20 14.31
N SER A 201 17.99 25.44 14.04
CA SER A 201 17.24 26.21 15.03
C SER A 201 15.74 25.89 14.98
N ASN A 202 15.22 25.52 13.82
CA ASN A 202 13.80 25.15 13.69
C ASN A 202 13.68 24.00 12.69
N PRO A 203 14.11 22.81 13.08
CA PRO A 203 14.05 21.68 12.15
C PRO A 203 12.60 21.26 11.90
N ALA A 204 12.42 20.45 10.86
CA ALA A 204 11.11 19.93 10.49
C ALA A 204 11.29 18.58 9.81
N ILE A 205 10.32 17.70 10.03
CA ILE A 205 10.42 16.31 9.61
C ILE A 205 9.23 15.98 8.71
N VAL A 206 9.52 15.39 7.55
CA VAL A 206 8.51 14.86 6.64
C VAL A 206 8.73 13.36 6.52
N LEU A 207 7.68 12.58 6.79
CA LEU A 207 7.79 11.13 6.89
C LEU A 207 6.94 10.48 5.82
N GLY A 208 7.49 9.48 5.15
CA GLY A 208 6.84 8.87 4.03
C GLY A 208 6.39 7.45 4.31
N PRO A 209 5.83 6.79 3.29
CA PRO A 209 5.27 5.46 3.51
C PRO A 209 6.32 4.44 3.90
N ASP A 210 7.54 4.55 3.35
CA ASP A 210 8.58 3.57 3.65
C ASP A 210 8.99 3.60 5.13
N VAL A 211 8.59 4.63 5.87
CA VAL A 211 8.77 4.61 7.31
C VAL A 211 7.89 3.56 7.95
N ASP A 212 6.62 3.51 7.55
CA ASP A 212 5.72 2.48 8.08
C ASP A 212 6.10 1.11 7.55
N ALA A 213 6.53 1.05 6.29
CA ALA A 213 6.99 -0.21 5.73
C ALA A 213 8.16 -0.77 6.53
N ALA A 214 9.03 0.11 7.03
CA ALA A 214 10.18 -0.30 7.81
C ALA A 214 9.86 -0.53 9.27
N ASN A 215 8.65 -0.20 9.71
CA ASN A 215 8.30 -0.14 11.12
C ASN A 215 9.23 0.79 11.88
N ALA A 216 9.59 1.90 11.25
CA ALA A 216 10.47 2.90 11.84
C ALA A 216 9.69 4.02 12.50
N ASN A 217 8.38 3.81 12.72
CA ASN A 217 7.55 4.85 13.30
C ASN A 217 8.03 5.25 14.69
N ALA A 218 8.29 4.25 15.55
CA ALA A 218 8.67 4.55 16.92
C ALA A 218 9.99 5.32 16.97
N ASP A 219 10.97 4.91 16.16
CA ASP A 219 12.22 5.65 16.05
C ASP A 219 11.98 7.08 15.55
N CYS A 220 11.12 7.23 14.55
CA CYS A 220 10.82 8.57 14.04
C CYS A 220 10.13 9.43 15.10
N VAL A 221 9.36 8.81 16.00
CA VAL A 221 8.75 9.54 17.11
C VAL A 221 9.82 10.08 18.05
N MET A 222 10.76 9.21 18.45
CA MET A 222 11.87 9.63 19.30
C MET A 222 12.65 10.76 18.65
N LEU A 223 13.01 10.58 17.38
CA LEU A 223 13.75 11.61 16.67
C LEU A 223 12.98 12.93 16.70
N ALA A 224 11.67 12.89 16.45
CA ALA A 224 10.88 14.10 16.53
C ALA A 224 10.87 14.69 17.94
N GLU A 225 10.95 13.83 18.96
CA GLU A 225 10.92 14.32 20.33
C GLU A 225 12.24 14.99 20.72
N ARG A 226 13.37 14.35 20.39
CA ARG A 226 14.68 14.97 20.63
C ARG A 226 14.82 16.27 19.85
N LEU A 227 14.51 16.24 18.56
CA LEU A 227 14.59 17.45 17.74
C LEU A 227 13.55 18.48 18.14
N LYS A 228 12.55 18.07 18.93
CA LYS A 228 11.40 18.89 19.29
C LYS A 228 10.83 19.57 18.04
N ALA A 229 10.62 18.75 17.00
CA ALA A 229 10.35 19.21 15.67
C ALA A 229 8.97 18.76 15.19
N PRO A 230 8.26 19.60 14.44
CA PRO A 230 6.98 19.17 13.86
C PRO A 230 7.21 18.08 12.82
N VAL A 231 6.16 17.29 12.60
CA VAL A 231 6.20 16.13 11.71
C VAL A 231 5.00 16.19 10.79
N TRP A 232 5.24 16.10 9.49
CA TRP A 232 4.21 16.00 8.48
C TRP A 232 4.33 14.65 7.77
N VAL A 233 3.21 14.13 7.29
CA VAL A 233 3.24 12.96 6.41
C VAL A 233 3.17 13.46 4.97
N ALA A 234 4.08 12.96 4.13
CA ALA A 234 4.28 13.48 2.79
C ALA A 234 3.00 13.29 1.95
N PRO A 235 2.79 14.13 0.94
CA PRO A 235 1.50 14.14 0.24
C PRO A 235 1.25 12.85 -0.55
N SER A 236 -0.01 12.66 -0.93
CA SER A 236 -0.47 11.43 -1.58
C SER A 236 -0.01 10.22 -0.78
N ALA A 237 -0.23 10.29 0.53
CA ALA A 237 0.37 9.34 1.45
C ALA A 237 -0.23 7.95 1.28
N PRO A 238 0.57 6.93 0.94
CA PRO A 238 0.06 5.56 0.90
C PRO A 238 -0.11 4.96 2.29
N ARG A 239 0.65 5.45 3.26
CA ARG A 239 0.63 4.89 4.61
C ARG A 239 0.75 5.99 5.65
N CYS A 240 0.50 5.62 6.91
CA CYS A 240 0.65 6.52 8.04
C CYS A 240 1.90 6.16 8.84
N PRO A 241 2.88 7.05 8.93
CA PRO A 241 4.16 6.72 9.59
C PRO A 241 4.35 7.32 10.98
N PHE A 242 3.30 7.84 11.63
CA PHE A 242 3.46 8.57 12.87
C PHE A 242 2.13 8.53 13.60
N PRO A 243 2.12 8.64 14.93
CA PRO A 243 0.85 8.76 15.66
C PRO A 243 0.17 10.08 15.31
N THR A 244 -1.07 9.99 14.84
CA THR A 244 -1.75 11.18 14.34
C THR A 244 -2.11 12.17 15.45
N ARG A 245 -2.06 11.74 16.71
CA ARG A 245 -2.39 12.62 17.83
C ARG A 245 -1.18 12.96 18.70
N HIS A 246 0.01 12.50 18.32
CA HIS A 246 1.22 12.95 18.98
C HIS A 246 1.35 14.47 18.85
N PRO A 247 1.82 15.17 19.88
CA PRO A 247 1.88 16.64 19.80
C PRO A 247 2.68 17.17 18.62
N CYS A 248 3.64 16.38 18.12
CA CYS A 248 4.48 16.82 17.00
C CYS A 248 3.81 16.68 15.65
N PHE A 249 2.83 15.79 15.52
CA PHE A 249 2.21 15.52 14.22
C PHE A 249 1.49 16.73 13.70
N ARG A 250 1.74 17.06 12.43
CA ARG A 250 1.17 18.23 11.78
C ARG A 250 0.21 17.88 10.64
N GLY A 251 -0.02 16.61 10.38
CA GLY A 251 -1.03 16.22 9.41
C GLY A 251 -0.46 15.97 8.03
N LEU A 252 -1.39 15.81 7.10
CA LEU A 252 -1.06 15.47 5.72
C LEU A 252 -0.66 16.74 4.96
N MET A 253 0.54 16.73 4.38
CA MET A 253 1.01 17.89 3.64
C MET A 253 0.16 18.09 2.38
N PRO A 254 -0.10 19.32 1.98
CA PRO A 254 -0.79 19.55 0.71
C PRO A 254 0.11 19.18 -0.46
N ALA A 255 -0.51 18.70 -1.52
CA ALA A 255 0.23 18.15 -2.67
C ALA A 255 0.54 19.22 -3.71
N GLY A 256 1.18 20.32 -3.30
CA GLY A 256 1.45 21.41 -4.21
C GLY A 256 2.82 21.99 -3.98
N ILE A 257 3.47 22.41 -5.06
CA ILE A 257 4.82 22.96 -4.96
C ILE A 257 4.83 24.22 -4.09
N ALA A 258 4.07 25.23 -4.52
CA ALA A 258 4.03 26.50 -3.78
C ALA A 258 3.48 26.30 -2.38
N ALA A 259 2.50 25.41 -2.21
CA ALA A 259 1.90 25.21 -0.90
C ALA A 259 2.88 24.55 0.07
N ILE A 260 3.72 23.64 -0.43
CA ILE A 260 4.67 22.95 0.44
C ILE A 260 5.81 23.89 0.83
N SER A 261 6.31 24.68 -0.12
CA SER A 261 7.42 25.58 0.20
C SER A 261 7.00 26.67 1.18
N GLN A 262 5.73 27.09 1.13
CA GLN A 262 5.23 28.07 2.09
C GLN A 262 5.14 27.46 3.49
N LEU A 263 4.59 26.24 3.58
CA LEU A 263 4.57 25.54 4.86
C LEU A 263 5.97 25.38 5.42
N LEU A 264 6.93 25.02 4.57
CA LEU A 264 8.27 24.78 5.05
C LEU A 264 9.01 26.07 5.34
N GLU A 265 8.50 27.22 4.88
CA GLU A 265 9.18 28.49 5.06
C GLU A 265 9.37 28.77 6.54
N GLY A 266 10.61 29.05 6.92
CA GLY A 266 10.97 29.32 8.29
C GLY A 266 11.70 28.20 8.98
N HIS A 267 11.80 27.02 8.36
CA HIS A 267 12.53 25.90 8.93
C HIS A 267 13.87 25.78 8.20
N ASP A 268 14.96 25.91 8.96
CA ASP A 268 16.28 25.92 8.32
C ASP A 268 16.62 24.55 7.74
N VAL A 269 16.27 23.48 8.45
CA VAL A 269 16.58 22.12 8.01
C VAL A 269 15.30 21.32 7.96
N VAL A 270 15.04 20.69 6.83
CA VAL A 270 13.85 19.87 6.62
C VAL A 270 14.32 18.47 6.28
N LEU A 271 14.03 17.54 7.18
CA LEU A 271 14.49 16.17 7.06
C LEU A 271 13.34 15.29 6.59
N VAL A 272 13.49 14.69 5.41
CA VAL A 272 12.48 13.79 4.85
C VAL A 272 13.00 12.36 4.97
N ILE A 273 12.11 11.46 5.37
CA ILE A 273 12.46 10.05 5.58
C ILE A 273 11.36 9.19 4.98
N GLY A 274 11.77 8.18 4.20
CA GLY A 274 10.81 7.16 3.70
C GLY A 274 9.83 7.71 2.70
N ALA A 275 10.15 8.86 2.11
CA ALA A 275 9.18 9.50 1.18
C ALA A 275 9.83 9.88 -0.14
N PRO A 276 9.04 9.94 -1.24
CA PRO A 276 9.54 10.45 -2.50
C PRO A 276 9.66 11.92 -2.16
N VAL A 277 10.51 12.66 -2.87
CA VAL A 277 10.76 14.06 -2.40
C VAL A 277 9.60 14.93 -2.89
N PHE A 278 8.46 14.80 -2.22
CA PHE A 278 7.24 15.62 -2.51
C PHE A 278 6.66 15.18 -3.85
N ARG A 279 5.60 14.39 -3.77
CA ARG A 279 4.91 13.98 -5.00
C ARG A 279 3.64 14.85 -5.04
N TYR A 280 3.47 15.60 -6.11
CA TYR A 280 2.35 16.57 -6.15
C TYR A 280 1.26 16.04 -7.06
N TYR A 281 0.01 16.24 -6.67
CA TYR A 281 -1.13 15.81 -7.52
C TYR A 281 -1.53 16.99 -8.36
N GLN A 282 -1.68 18.14 -7.71
CA GLN A 282 -2.19 19.34 -8.44
C GLN A 282 -1.03 20.22 -8.86
N TYR A 283 -1.21 20.96 -9.96
CA TYR A 283 -0.16 21.89 -10.39
C TYR A 283 -0.29 23.19 -9.60
N ASP A 284 0.62 23.39 -8.66
CA ASP A 284 0.68 24.57 -7.81
C ASP A 284 2.04 25.23 -8.02
N PRO A 285 2.26 25.85 -9.17
CA PRO A 285 3.60 26.32 -9.52
C PRO A 285 4.10 27.37 -8.55
N GLY A 286 5.40 27.31 -8.28
CA GLY A 286 6.02 28.25 -7.38
C GLY A 286 7.45 27.83 -7.10
N GLN A 287 7.97 28.30 -5.96
CA GLN A 287 9.28 27.87 -5.51
C GLN A 287 9.18 26.51 -4.85
N TYR A 288 10.11 25.62 -5.20
CA TYR A 288 10.18 24.32 -4.54
C TYR A 288 10.59 24.45 -3.08
N LEU A 289 11.26 25.55 -2.73
CA LEU A 289 11.87 25.76 -1.42
C LEU A 289 12.08 27.25 -1.24
N LYS A 290 11.62 27.79 -0.12
CA LYS A 290 11.87 29.19 0.15
C LYS A 290 13.32 29.36 0.62
N PRO A 291 13.93 30.54 0.42
CA PRO A 291 15.33 30.71 0.81
C PRO A 291 15.49 30.56 2.31
N GLY A 292 16.63 30.01 2.71
CA GLY A 292 16.87 29.71 4.10
C GLY A 292 16.39 28.34 4.56
N THR A 293 15.81 27.55 3.66
CA THR A 293 15.39 26.18 3.96
C THR A 293 16.27 25.21 3.18
N ARG A 294 16.96 24.33 3.92
CA ARG A 294 17.76 23.26 3.34
C ARG A 294 17.04 21.93 3.55
N LEU A 295 17.04 21.09 2.51
CA LEU A 295 16.33 19.81 2.55
C LEU A 295 17.32 18.65 2.47
N ILE A 296 17.18 17.69 3.39
CA ILE A 296 17.92 16.44 3.37
C ILE A 296 16.91 15.31 3.30
N SER A 297 17.10 14.40 2.36
CA SER A 297 16.16 13.31 2.15
C SER A 297 16.87 11.98 2.39
N VAL A 298 16.27 11.15 3.24
CA VAL A 298 16.68 9.76 3.41
C VAL A 298 15.66 8.89 2.67
N THR A 299 16.14 8.09 1.73
CA THR A 299 15.27 7.29 0.88
C THR A 299 15.91 5.93 0.65
N CYS A 300 15.06 4.92 0.53
CA CYS A 300 15.51 3.60 0.12
C CYS A 300 15.57 3.43 -1.40
N ASP A 301 15.11 4.42 -2.17
CA ASP A 301 14.93 4.27 -3.60
C ASP A 301 15.83 5.24 -4.35
N PRO A 302 16.77 4.74 -5.17
CA PRO A 302 17.61 5.66 -5.96
C PRO A 302 16.82 6.50 -6.94
N LEU A 303 15.73 5.96 -7.48
CA LEU A 303 14.88 6.76 -8.38
C LEU A 303 14.33 7.98 -7.67
N GLU A 304 13.95 7.83 -6.40
CA GLU A 304 13.46 8.98 -5.66
C GLU A 304 14.56 10.00 -5.43
N ALA A 305 15.75 9.53 -5.02
CA ALA A 305 16.87 10.43 -4.78
C ALA A 305 17.27 11.18 -6.05
N ALA A 306 17.30 10.49 -7.19
CA ALA A 306 17.64 11.17 -8.44
C ALA A 306 16.51 12.11 -8.87
N ARG A 307 15.27 11.74 -8.57
CA ARG A 307 14.11 12.49 -9.05
C ARG A 307 13.96 13.85 -8.41
N ALA A 308 14.56 14.05 -7.23
CA ALA A 308 14.24 15.23 -6.43
C ALA A 308 14.55 16.51 -7.19
N PRO A 309 13.60 17.46 -7.25
CA PRO A 309 13.93 18.80 -7.79
C PRO A 309 14.78 19.63 -6.85
N MET A 310 15.01 19.19 -5.61
CA MET A 310 15.77 19.99 -4.66
C MET A 310 16.27 19.10 -3.54
N GLY A 311 17.29 19.60 -2.84
CA GLY A 311 17.75 19.00 -1.61
C GLY A 311 18.82 17.94 -1.81
N ASP A 312 19.49 17.61 -0.71
CA ASP A 312 20.41 16.48 -0.70
C ASP A 312 19.63 15.19 -0.46
N ALA A 313 20.29 14.05 -0.70
CA ALA A 313 19.63 12.77 -0.51
C ALA A 313 20.63 11.71 -0.10
N ILE A 314 20.15 10.72 0.65
CA ILE A 314 20.92 9.57 1.06
C ILE A 314 20.12 8.32 0.73
N VAL A 315 20.75 7.38 0.03
CA VAL A 315 20.11 6.11 -0.31
C VAL A 315 20.55 5.09 0.75
N ALA A 316 19.67 4.81 1.71
CA ALA A 316 19.98 3.87 2.78
C ALA A 316 18.70 3.20 3.25
N ASP A 317 18.84 2.25 4.16
CA ASP A 317 17.69 1.58 4.74
C ASP A 317 16.97 2.52 5.69
N ILE A 318 15.65 2.61 5.56
CA ILE A 318 14.88 3.56 6.38
C ILE A 318 14.94 3.17 7.85
N GLY A 319 14.78 1.87 8.15
CA GLY A 319 14.83 1.43 9.53
C GLY A 319 16.18 1.67 10.17
N ALA A 320 17.26 1.31 9.48
CA ALA A 320 18.59 1.51 10.04
C ALA A 320 18.93 2.99 10.17
N MET A 321 18.56 3.81 9.18
CA MET A 321 18.82 5.24 9.28
C MET A 321 18.01 5.87 10.42
N ALA A 322 16.72 5.55 10.51
CA ALA A 322 15.88 6.15 11.55
C ALA A 322 16.37 5.78 12.94
N SER A 323 16.74 4.51 13.14
CA SER A 323 17.20 4.09 14.46
C SER A 323 18.54 4.74 14.79
N ALA A 324 19.41 4.90 13.80
CA ALA A 324 20.69 5.58 14.03
C ALA A 324 20.48 7.05 14.35
N LEU A 325 19.59 7.72 13.63
CA LEU A 325 19.40 9.15 13.85
C LEU A 325 18.70 9.42 15.18
N ALA A 326 17.74 8.58 15.57
CA ALA A 326 17.01 8.83 16.80
C ALA A 326 17.88 8.58 18.03
N ASN A 327 18.90 7.73 17.90
CA ASN A 327 19.76 7.42 19.04
C ASN A 327 20.99 8.30 19.13
N LEU A 328 21.31 9.02 18.05
CA LEU A 328 22.51 9.85 17.97
C LEU A 328 22.26 11.32 18.29
N VAL A 329 21.07 11.85 17.97
CA VAL A 329 20.84 13.28 18.12
C VAL A 329 20.75 13.66 19.59
N GLU A 330 21.15 14.88 19.91
CA GLU A 330 20.96 15.42 21.25
C GLU A 330 19.52 15.90 21.42
N GLU A 331 19.07 15.89 22.67
CA GLU A 331 17.73 16.38 23.00
C GLU A 331 17.74 17.90 23.02
N SER A 332 16.87 18.50 22.22
CA SER A 332 16.85 19.95 22.08
C SER A 332 16.25 20.61 23.32
N SER A 333 16.77 21.80 23.64
CA SER A 333 16.19 22.60 24.71
C SER A 333 14.84 23.18 24.31
N ARG A 334 14.55 23.26 23.02
CA ARG A 334 13.29 23.82 22.56
C ARG A 334 12.10 23.07 23.17
N GLN A 335 10.98 23.76 23.28
CA GLN A 335 9.77 23.13 23.79
C GLN A 335 9.09 22.33 22.70
N LEU A 336 8.44 21.25 23.12
CA LEU A 336 7.75 20.38 22.18
C LEU A 336 6.62 21.15 21.50
N PRO A 337 6.37 20.92 20.22
CA PRO A 337 5.27 21.62 19.55
C PRO A 337 3.92 21.26 20.17
N THR A 338 2.98 22.21 20.08
CA THR A 338 1.63 21.99 20.61
C THR A 338 0.83 21.07 19.68
N ALA A 339 0.15 20.09 20.28
CA ALA A 339 -0.73 19.21 19.51
C ALA A 339 -1.75 20.02 18.71
N ALA A 340 -2.05 19.53 17.50
CA ALA A 340 -3.01 20.19 16.65
C ALA A 340 -4.39 20.20 17.32
N PRO A 341 -5.24 21.18 17.01
CA PRO A 341 -6.53 21.26 17.67
C PRO A 341 -7.42 20.06 17.36
N GLU A 342 -8.26 19.72 18.32
CA GLU A 342 -9.25 18.68 18.10
C GLU A 342 -10.18 19.08 16.96
N PRO A 343 -10.59 18.14 16.10
CA PRO A 343 -11.45 18.52 14.96
C PRO A 343 -12.83 18.95 15.43
N ALA A 344 -13.41 19.90 14.71
CA ALA A 344 -14.75 20.39 15.05
C ALA A 344 -15.81 19.38 14.59
N LYS A 345 -16.93 19.36 15.30
CA LYS A 345 -18.04 18.50 14.95
C LYS A 345 -18.99 19.25 14.00
N VAL A 346 -19.27 18.65 12.86
CA VAL A 346 -20.13 19.27 11.86
C VAL A 346 -21.59 19.05 12.24
N ASP A 347 -22.45 19.98 11.82
CA ASP A 347 -23.88 19.82 12.03
C ASP A 347 -24.38 18.59 11.28
N GLN A 348 -25.14 17.75 11.97
CA GLN A 348 -25.67 16.53 11.38
C GLN A 348 -27.16 16.44 11.70
N ASP A 349 -28.00 16.65 10.70
CA ASP A 349 -29.43 16.43 10.84
C ASP A 349 -29.69 14.93 10.93
N ALA A 350 -30.97 14.54 10.93
CA ALA A 350 -31.32 13.13 10.98
C ALA A 350 -31.24 12.43 9.63
N GLY A 351 -30.86 13.15 8.59
CA GLY A 351 -30.84 12.62 7.23
C GLY A 351 -29.47 12.11 6.82
N ARG A 352 -29.13 12.30 5.54
CA ARG A 352 -27.90 11.79 4.98
C ARG A 352 -26.70 12.19 5.83
N LEU A 353 -25.71 11.30 5.89
CA LEU A 353 -24.59 11.47 6.79
C LEU A 353 -23.48 12.29 6.16
N HIS A 354 -22.92 13.20 6.94
CA HIS A 354 -21.72 13.89 6.49
C HIS A 354 -20.51 13.00 6.71
N PRO A 355 -19.50 13.09 5.83
CA PRO A 355 -18.29 12.28 6.04
C PRO A 355 -17.65 12.51 7.41
N GLU A 356 -17.60 13.76 7.86
CA GLU A 356 -17.00 14.05 9.16
C GLU A 356 -17.69 13.28 10.27
N THR A 357 -19.01 13.18 10.22
CA THR A 357 -19.75 12.42 11.22
C THR A 357 -19.39 10.95 11.18
N VAL A 358 -19.20 10.41 9.97
CA VAL A 358 -18.85 8.99 9.85
C VAL A 358 -17.49 8.71 10.45
N PHE A 359 -16.55 9.64 10.26
CA PHE A 359 -15.19 9.45 10.77
C PHE A 359 -15.11 9.65 12.28
N ASP A 360 -15.90 10.58 12.82
CA ASP A 360 -15.97 10.73 14.26
C ASP A 360 -16.58 9.49 14.91
N THR A 361 -17.60 8.91 14.29
CA THR A 361 -18.21 7.71 14.84
C THR A 361 -17.25 6.53 14.81
N LEU A 362 -16.43 6.44 13.76
CA LEU A 362 -15.40 5.39 13.73
C LEU A 362 -14.41 5.57 14.87
N ASN A 363 -13.99 6.81 15.13
CA ASN A 363 -12.94 7.03 16.12
C ASN A 363 -13.38 6.65 17.53
N ASP A 364 -14.59 7.02 17.94
CA ASP A 364 -15.04 6.62 19.27
C ASP A 364 -15.33 5.11 19.34
N MET A 365 -15.91 4.56 18.28
CA MET A 365 -16.40 3.20 18.32
C MET A 365 -15.31 2.17 18.03
N ALA A 366 -14.39 2.49 17.11
CA ALA A 366 -13.48 1.47 16.61
C ALA A 366 -12.35 1.24 17.60
N PRO A 367 -11.69 0.09 17.52
CA PRO A 367 -10.63 -0.21 18.49
C PRO A 367 -9.42 0.68 18.27
N GLU A 368 -8.66 0.88 19.36
CA GLU A 368 -7.44 1.67 19.26
C GLU A 368 -6.44 1.05 18.30
N ASN A 369 -6.44 -0.28 18.17
CA ASN A 369 -5.51 -0.96 17.27
C ASN A 369 -6.14 -1.33 15.94
N ALA A 370 -7.21 -0.66 15.55
CA ALA A 370 -7.84 -0.93 14.27
C ALA A 370 -6.94 -0.53 13.11
N ILE A 371 -7.11 -1.20 11.98
CA ILE A 371 -6.43 -0.85 10.73
C ILE A 371 -7.47 -0.28 9.78
N TYR A 372 -7.20 0.90 9.26
CA TYR A 372 -8.09 1.56 8.32
C TYR A 372 -7.53 1.48 6.91
N LEU A 373 -8.43 1.46 5.94
CA LEU A 373 -8.10 1.54 4.53
C LEU A 373 -9.01 2.57 3.87
N ASN A 374 -8.48 3.28 2.88
CA ASN A 374 -9.16 4.43 2.33
C ASN A 374 -9.23 4.32 0.81
N GLU A 375 -10.46 4.31 0.28
CA GLU A 375 -10.69 4.55 -1.14
C GLU A 375 -11.90 5.48 -1.33
N SER A 376 -12.11 6.40 -0.38
CA SER A 376 -13.12 7.46 -0.50
C SER A 376 -12.37 8.76 -0.81
N THR A 377 -12.26 9.06 -2.10
CA THR A 377 -11.26 10.03 -2.56
C THR A 377 -11.60 11.47 -2.20
N SER A 378 -12.87 11.80 -2.00
CA SER A 378 -13.24 13.16 -1.64
C SER A 378 -13.10 13.46 -0.16
N THR A 379 -12.93 12.44 0.68
CA THR A 379 -12.98 12.60 2.13
C THR A 379 -11.65 12.33 2.81
N THR A 380 -10.55 12.27 2.04
CA THR A 380 -9.26 11.90 2.60
C THR A 380 -8.77 12.93 3.61
N ALA A 381 -8.89 14.22 3.28
CA ALA A 381 -8.46 15.27 4.19
C ALA A 381 -9.14 15.13 5.54
N GLN A 382 -10.46 14.94 5.55
CA GLN A 382 -11.18 14.83 6.80
C GLN A 382 -10.85 13.53 7.52
N MET A 383 -10.61 12.46 6.77
CA MET A 383 -10.28 11.17 7.37
C MET A 383 -8.97 11.24 8.16
N TRP A 384 -7.96 11.91 7.60
CA TRP A 384 -6.69 12.07 8.31
C TRP A 384 -6.85 12.87 9.59
N GLN A 385 -7.74 13.86 9.59
CA GLN A 385 -7.93 14.70 10.76
C GLN A 385 -8.73 14.01 11.85
N ARG A 386 -9.69 13.17 11.48
CA ARG A 386 -10.69 12.67 12.41
C ARG A 386 -10.43 11.26 12.91
N LEU A 387 -9.45 10.55 12.36
CA LEU A 387 -9.16 9.19 12.75
C LEU A 387 -7.85 9.19 13.53
N ASN A 388 -7.91 8.82 14.81
CA ASN A 388 -6.72 8.77 15.66
C ASN A 388 -6.06 7.42 15.45
N MET A 389 -4.93 7.41 14.76
CA MET A 389 -4.19 6.17 14.46
C MET A 389 -2.87 6.25 15.21
N ARG A 390 -2.79 5.57 16.36
CA ARG A 390 -1.62 5.67 17.23
C ARG A 390 -0.58 4.59 16.96
N ASN A 391 -0.94 3.51 16.24
CA ASN A 391 -0.07 2.36 16.03
C ASN A 391 0.38 2.27 14.56
N PRO A 392 1.54 1.66 14.30
CA PRO A 392 1.96 1.45 12.91
C PRO A 392 0.97 0.56 12.15
N GLY A 393 1.12 0.55 10.84
CA GLY A 393 0.28 -0.30 10.00
C GLY A 393 -1.20 -0.06 10.20
N SER A 394 -1.60 1.19 10.37
CA SER A 394 -3.00 1.51 10.65
C SER A 394 -3.68 2.25 9.50
N TYR A 395 -3.00 2.42 8.36
CA TYR A 395 -3.56 3.18 7.26
C TYR A 395 -2.97 2.73 5.92
N TYR A 396 -3.83 2.57 4.93
CA TYR A 396 -3.42 2.22 3.58
C TYR A 396 -4.30 2.94 2.57
N PHE A 397 -3.65 3.54 1.57
CA PHE A 397 -4.30 4.27 0.50
C PHE A 397 -3.53 3.95 -0.77
N CYS A 398 -4.27 3.73 -1.88
CA CYS A 398 -3.65 3.28 -3.12
C CYS A 398 -2.46 4.16 -3.49
N ALA A 399 -1.27 3.56 -3.57
CA ALA A 399 -0.04 4.34 -3.69
C ALA A 399 0.01 5.15 -4.97
N ALA A 400 -0.38 4.55 -6.09
CA ALA A 400 -0.39 5.23 -7.38
C ALA A 400 -1.73 5.90 -7.68
N GLY A 401 -2.63 5.98 -6.69
CA GLY A 401 -3.96 6.49 -6.96
C GLY A 401 -4.86 5.55 -7.73
N GLY A 402 -4.46 4.30 -7.89
CA GLY A 402 -5.21 3.35 -8.70
C GLY A 402 -6.41 2.76 -7.99
N LEU A 403 -7.61 3.12 -8.45
CA LEU A 403 -8.80 2.64 -7.78
C LEU A 403 -8.90 1.12 -7.92
N GLY A 404 -9.57 0.50 -6.94
CA GLY A 404 -9.64 -0.94 -6.86
C GLY A 404 -8.60 -1.57 -5.94
N PHE A 405 -7.91 -0.78 -5.13
CA PHE A 405 -6.92 -1.31 -4.21
C PHE A 405 -7.51 -1.66 -2.86
N ALA A 406 -8.30 -0.74 -2.28
CA ALA A 406 -8.65 -0.83 -0.87
C ALA A 406 -9.49 -2.07 -0.57
N LEU A 407 -10.49 -2.36 -1.40
CA LEU A 407 -11.35 -3.51 -1.11
C LEU A 407 -10.58 -4.81 -1.07
N PRO A 408 -9.81 -5.21 -2.09
CA PRO A 408 -9.06 -6.46 -1.95
C PRO A 408 -7.96 -6.36 -0.92
N ALA A 409 -7.23 -5.24 -0.88
CA ALA A 409 -6.15 -5.09 0.09
C ALA A 409 -6.66 -5.25 1.52
N ALA A 410 -7.84 -4.72 1.83
CA ALA A 410 -8.41 -4.87 3.16
C ALA A 410 -8.54 -6.34 3.54
N ILE A 411 -8.94 -7.18 2.58
CA ILE A 411 -9.01 -8.62 2.82
C ILE A 411 -7.61 -9.18 3.08
N GLY A 412 -6.61 -8.66 2.37
CA GLY A 412 -5.26 -9.14 2.58
C GLY A 412 -4.70 -8.73 3.94
N VAL A 413 -4.90 -7.47 4.30
CA VAL A 413 -4.42 -6.98 5.58
C VAL A 413 -5.06 -7.76 6.73
N GLN A 414 -6.39 -7.89 6.70
CA GLN A 414 -7.09 -8.60 7.75
C GLN A 414 -6.62 -10.05 7.85
N LEU A 415 -6.32 -10.68 6.70
CA LEU A 415 -5.73 -12.00 6.74
C LEU A 415 -4.36 -11.97 7.40
N ALA A 416 -3.55 -10.94 7.08
CA ALA A 416 -2.22 -10.86 7.66
C ALA A 416 -2.27 -10.56 9.15
N GLU A 417 -3.24 -9.74 9.58
CA GLU A 417 -3.36 -9.30 10.97
C GLU A 417 -4.72 -9.73 11.51
N PRO A 418 -4.87 -11.00 11.88
CA PRO A 418 -6.17 -11.45 12.41
C PRO A 418 -6.54 -10.82 13.75
N GLU A 419 -5.56 -10.37 14.52
CA GLU A 419 -5.82 -9.79 15.83
C GLU A 419 -6.23 -8.32 15.76
N ARG A 420 -6.12 -7.68 14.59
CA ARG A 420 -6.50 -6.29 14.41
C ARG A 420 -7.71 -6.19 13.49
N GLN A 421 -8.67 -5.35 13.85
CA GLN A 421 -9.89 -5.21 13.08
C GLN A 421 -9.69 -4.23 11.94
N VAL A 422 -9.95 -4.68 10.72
CA VAL A 422 -9.71 -3.90 9.50
C VAL A 422 -11.03 -3.29 9.05
N ILE A 423 -11.07 -1.96 8.96
CA ILE A 423 -12.22 -1.24 8.44
C ILE A 423 -11.77 -0.46 7.21
N ALA A 424 -12.40 -0.73 6.08
CA ALA A 424 -12.06 -0.10 4.81
C ALA A 424 -13.15 0.90 4.47
N VAL A 425 -12.83 2.19 4.49
CA VAL A 425 -13.77 3.22 4.11
C VAL A 425 -13.59 3.46 2.61
N ILE A 426 -14.54 2.97 1.82
CA ILE A 426 -14.46 2.99 0.37
C ILE A 426 -15.67 3.76 -0.17
N GLY A 427 -15.40 4.68 -1.09
CA GLY A 427 -16.50 5.39 -1.71
C GLY A 427 -17.22 4.51 -2.71
N ASP A 428 -18.47 4.87 -2.97
CA ASP A 428 -19.22 4.23 -4.05
C ASP A 428 -18.49 4.47 -5.37
N GLY A 429 -18.67 3.58 -6.32
CA GLY A 429 -17.85 3.81 -7.52
C GLY A 429 -16.43 3.27 -7.46
N SER A 430 -15.69 3.60 -6.40
CA SER A 430 -14.40 2.94 -6.18
C SER A 430 -14.60 1.46 -5.87
N ALA A 431 -15.63 1.14 -5.09
CA ALA A 431 -15.90 -0.25 -4.74
C ALA A 431 -16.14 -1.14 -5.96
N ASN A 432 -16.48 -0.54 -7.10
CA ASN A 432 -16.85 -1.33 -8.27
C ASN A 432 -15.63 -1.97 -8.92
N TYR A 433 -14.48 -1.30 -8.86
CA TYR A 433 -13.32 -1.76 -9.63
C TYR A 433 -12.91 -3.16 -9.21
N SER A 434 -13.01 -3.46 -7.92
CA SER A 434 -12.51 -4.71 -7.36
C SER A 434 -13.60 -5.39 -6.56
N ILE A 435 -14.83 -5.33 -7.06
CA ILE A 435 -15.98 -5.74 -6.25
C ILE A 435 -15.94 -7.25 -6.00
N SER A 436 -15.50 -8.04 -6.98
CA SER A 436 -15.55 -9.48 -6.84
C SER A 436 -14.73 -9.96 -5.64
N ALA A 437 -13.76 -9.16 -5.18
CA ALA A 437 -12.90 -9.57 -4.09
C ALA A 437 -13.69 -9.89 -2.83
N LEU A 438 -14.86 -9.27 -2.66
CA LEU A 438 -15.71 -9.55 -1.50
C LEU A 438 -15.91 -11.05 -1.30
N TRP A 439 -16.04 -11.79 -2.42
CA TRP A 439 -16.25 -13.23 -2.35
C TRP A 439 -15.13 -13.94 -1.59
N THR A 440 -13.89 -13.54 -1.84
CA THR A 440 -12.76 -14.14 -1.12
C THR A 440 -12.90 -13.94 0.39
N ALA A 441 -13.34 -12.75 0.81
CA ALA A 441 -13.56 -12.53 2.24
C ALA A 441 -14.62 -13.46 2.80
N ALA A 442 -15.69 -13.70 2.03
CA ALA A 442 -16.74 -14.60 2.49
C ALA A 442 -16.26 -16.04 2.53
N GLN A 443 -15.65 -16.51 1.42
CA GLN A 443 -15.27 -17.92 1.32
C GLN A 443 -14.27 -18.30 2.40
N TYR A 444 -13.31 -17.44 2.69
CA TYR A 444 -12.29 -17.72 3.69
C TYR A 444 -12.64 -17.12 5.04
N ASN A 445 -13.84 -16.54 5.16
CA ASN A 445 -14.31 -15.95 6.41
C ASN A 445 -13.27 -15.00 7.00
N ILE A 446 -12.76 -14.12 6.16
CA ILE A 446 -11.90 -13.05 6.64
C ILE A 446 -12.81 -11.90 7.05
N PRO A 447 -12.84 -11.52 8.35
CA PRO A 447 -13.88 -10.61 8.86
C PRO A 447 -13.56 -9.13 8.65
N THR A 448 -13.20 -8.76 7.42
CA THR A 448 -13.00 -7.36 7.07
C THR A 448 -14.33 -6.61 7.08
N ILE A 449 -14.33 -5.40 7.61
CA ILE A 449 -15.51 -4.53 7.57
C ILE A 449 -15.36 -3.58 6.39
N PHE A 450 -16.37 -3.55 5.52
CA PHE A 450 -16.39 -2.67 4.36
C PHE A 450 -17.43 -1.58 4.60
N VAL A 451 -16.98 -0.34 4.75
CA VAL A 451 -17.87 0.81 4.89
C VAL A 451 -17.90 1.53 3.54
N ILE A 452 -19.07 1.54 2.90
CA ILE A 452 -19.24 2.16 1.58
C ILE A 452 -19.85 3.53 1.75
N MET A 453 -19.14 4.56 1.32
CA MET A 453 -19.64 5.94 1.33
C MET A 453 -20.34 6.19 0.00
N ASN A 454 -21.66 6.04 -0.02
CA ASN A 454 -22.44 6.20 -1.24
C ASN A 454 -22.96 7.63 -1.30
N ASN A 455 -22.43 8.41 -2.24
CA ASN A 455 -22.92 9.73 -2.59
C ASN A 455 -23.50 9.75 -4.00
N GLY A 456 -23.45 8.63 -4.70
CA GLY A 456 -23.89 8.54 -6.08
C GLY A 456 -23.00 9.22 -7.10
N THR A 457 -21.86 9.75 -6.69
CA THR A 457 -20.98 10.46 -7.62
C THR A 457 -19.52 10.12 -7.34
N TYR A 458 -18.70 10.41 -8.34
CA TYR A 458 -17.25 10.51 -8.22
C TYR A 458 -16.97 11.88 -7.60
N GLY A 459 -16.96 11.94 -6.27
CA GLY A 459 -16.91 13.22 -5.60
C GLY A 459 -15.64 14.00 -5.92
N MET A 460 -14.49 13.35 -5.81
CA MET A 460 -13.23 14.05 -6.07
C MET A 460 -13.18 14.60 -7.48
N LEU A 461 -13.70 13.85 -8.46
CA LEU A 461 -13.66 14.31 -9.85
C LEU A 461 -14.51 15.57 -10.02
N ARG A 462 -15.68 15.63 -9.38
CA ARG A 462 -16.48 16.85 -9.46
C ARG A 462 -15.82 18.01 -8.73
N GLN A 463 -15.29 17.74 -7.53
CA GLN A 463 -14.53 18.77 -6.82
C GLN A 463 -13.37 19.28 -7.66
N PHE A 464 -12.58 18.37 -8.24
CA PHE A 464 -11.44 18.82 -9.02
C PHE A 464 -11.87 19.58 -10.25
N ALA A 465 -12.92 19.10 -10.95
CA ALA A 465 -13.45 19.86 -12.08
C ALA A 465 -13.79 21.29 -11.70
N GLY A 466 -13.91 21.58 -10.39
CA GLY A 466 -13.99 22.93 -9.86
C GLY A 466 -12.68 23.67 -9.94
N LEU A 467 -11.60 23.07 -9.44
CA LEU A 467 -10.28 23.56 -9.79
C LEU A 467 -10.15 23.46 -11.30
N LEU A 468 -9.85 24.59 -11.95
CA LEU A 468 -9.94 24.70 -13.41
C LEU A 468 -11.41 24.75 -13.78
N GLU A 469 -11.74 25.38 -14.91
CA GLU A 469 -13.13 25.48 -15.35
C GLU A 469 -13.46 24.29 -16.25
N ALA A 470 -13.57 23.12 -15.64
CA ALA A 470 -13.96 21.91 -16.34
C ALA A 470 -15.48 21.82 -16.25
N GLU A 471 -16.15 22.28 -17.30
CA GLU A 471 -17.60 22.25 -17.38
C GLU A 471 -18.06 21.17 -18.35
N ASN A 472 -19.26 20.65 -18.11
CA ASN A 472 -19.88 19.65 -18.97
C ASN A 472 -18.96 18.45 -19.20
N VAL A 473 -18.43 17.91 -18.11
CA VAL A 473 -17.59 16.72 -18.16
C VAL A 473 -18.48 15.50 -17.97
N PRO A 474 -18.54 14.56 -18.91
CA PRO A 474 -19.41 13.40 -18.76
C PRO A 474 -18.82 12.36 -17.82
N GLY A 475 -19.69 11.45 -17.38
CA GLY A 475 -19.24 10.27 -16.67
C GLY A 475 -18.86 10.49 -15.23
N LEU A 476 -19.37 11.53 -14.58
CA LEU A 476 -18.95 11.85 -13.23
C LEU A 476 -19.89 11.31 -12.17
N ASP A 477 -21.08 10.85 -12.55
CA ASP A 477 -22.08 10.37 -11.60
C ASP A 477 -22.30 8.88 -11.77
N VAL A 478 -22.46 8.19 -10.64
CA VAL A 478 -22.62 6.74 -10.64
C VAL A 478 -23.92 6.37 -9.92
N PRO A 479 -25.07 6.73 -10.46
CA PRO A 479 -26.32 6.48 -9.75
C PRO A 479 -26.80 5.05 -9.93
N GLY A 480 -27.53 4.58 -8.93
CA GLY A 480 -28.28 3.35 -9.07
C GLY A 480 -27.49 2.09 -8.86
N ILE A 481 -26.62 2.04 -7.85
CA ILE A 481 -25.92 0.83 -7.48
C ILE A 481 -26.39 0.41 -6.10
N ASP A 482 -26.72 -0.87 -5.95
CA ASP A 482 -27.17 -1.42 -4.68
C ASP A 482 -26.01 -2.24 -4.11
N PHE A 483 -25.37 -1.70 -3.08
CA PHE A 483 -24.18 -2.36 -2.55
C PHE A 483 -24.53 -3.49 -1.60
N ARG A 484 -25.68 -3.39 -0.93
CA ARG A 484 -26.13 -4.51 -0.11
C ARG A 484 -26.48 -5.70 -0.98
N ALA A 485 -27.06 -5.45 -2.15
CA ALA A 485 -27.30 -6.54 -3.12
C ALA A 485 -25.99 -7.11 -3.64
N LEU A 486 -25.02 -6.24 -3.95
CA LEU A 486 -23.70 -6.74 -4.37
C LEU A 486 -23.07 -7.58 -3.28
N ALA A 487 -23.15 -7.13 -2.03
CA ALA A 487 -22.54 -7.88 -0.93
C ALA A 487 -23.21 -9.24 -0.75
N LYS A 488 -24.52 -9.31 -0.97
CA LYS A 488 -25.20 -10.60 -0.90
C LYS A 488 -24.78 -11.51 -2.05
N GLY A 489 -24.61 -10.95 -3.24
CA GLY A 489 -24.17 -11.73 -4.38
C GLY A 489 -22.90 -12.50 -4.11
N TYR A 490 -22.02 -11.95 -3.26
CA TYR A 490 -20.77 -12.59 -2.93
C TYR A 490 -20.76 -13.14 -1.51
N GLY A 491 -21.91 -13.17 -0.84
CA GLY A 491 -22.02 -13.83 0.45
C GLY A 491 -21.52 -13.03 1.62
N VAL A 492 -21.36 -11.72 1.49
CA VAL A 492 -20.98 -10.86 2.60
C VAL A 492 -22.23 -10.29 3.24
N GLN A 493 -22.29 -10.32 4.57
CA GLN A 493 -23.43 -9.76 5.28
C GLN A 493 -23.52 -8.26 4.99
N ALA A 494 -24.71 -7.80 4.62
CA ALA A 494 -24.91 -6.43 4.17
C ALA A 494 -25.79 -5.67 5.16
N LEU A 495 -25.31 -4.49 5.56
CA LEU A 495 -26.02 -3.60 6.47
C LEU A 495 -26.14 -2.24 5.81
N LYS A 496 -27.04 -1.41 6.32
CA LYS A 496 -27.24 -0.08 5.78
C LYS A 496 -27.20 0.95 6.90
N ALA A 497 -27.01 2.20 6.51
CA ALA A 497 -26.93 3.30 7.48
C ALA A 497 -27.33 4.58 6.75
N ASP A 498 -28.58 4.98 6.94
CA ASP A 498 -29.10 6.21 6.36
C ASP A 498 -29.10 7.39 7.33
N ASN A 499 -28.78 7.13 8.60
CA ASN A 499 -28.70 8.19 9.61
C ASN A 499 -27.65 7.79 10.63
N LEU A 500 -27.44 8.67 11.62
CA LEU A 500 -26.40 8.44 12.61
C LEU A 500 -26.71 7.24 13.49
N GLU A 501 -27.94 7.16 14.01
CA GLU A 501 -28.32 6.02 14.85
C GLU A 501 -28.22 4.71 14.07
N GLN A 502 -28.59 4.74 12.79
CA GLN A 502 -28.40 3.58 11.94
C GLN A 502 -26.92 3.27 11.77
N LEU A 503 -26.08 4.31 11.63
CA LEU A 503 -24.64 4.11 11.51
C LEU A 503 -24.07 3.54 12.79
N LYS A 504 -24.45 4.12 13.92
CA LYS A 504 -23.92 3.68 15.21
C LYS A 504 -24.24 2.20 15.45
N GLY A 505 -25.50 1.82 15.22
CA GLY A 505 -25.87 0.42 15.40
C GLY A 505 -25.13 -0.50 14.45
N SER A 506 -25.11 -0.14 13.16
CA SER A 506 -24.42 -0.95 12.16
C SER A 506 -22.96 -1.18 12.55
N LEU A 507 -22.29 -0.14 13.03
CA LEU A 507 -20.88 -0.28 13.39
C LEU A 507 -20.71 -1.24 14.56
N GLN A 508 -21.53 -1.07 15.60
CA GLN A 508 -21.44 -1.94 16.77
C GLN A 508 -21.67 -3.39 16.38
N GLU A 509 -22.61 -3.63 15.47
CA GLU A 509 -22.85 -4.98 14.96
C GLU A 509 -21.65 -5.49 14.17
N ALA A 510 -21.16 -4.68 13.21
CA ALA A 510 -20.05 -5.11 12.37
C ALA A 510 -18.83 -5.44 13.21
N LEU A 511 -18.58 -4.66 14.27
CA LEU A 511 -17.43 -4.95 15.14
C LEU A 511 -17.60 -6.28 15.86
N SER A 512 -18.83 -6.66 16.19
CA SER A 512 -19.09 -7.94 16.84
C SER A 512 -19.18 -9.11 15.88
N ALA A 513 -19.30 -8.85 14.58
CA ALA A 513 -19.50 -9.93 13.63
C ALA A 513 -18.28 -10.84 13.55
N LYS A 514 -18.53 -12.14 13.38
CA LYS A 514 -17.45 -13.09 13.14
C LYS A 514 -17.10 -13.24 11.67
N GLY A 515 -17.89 -12.66 10.77
CA GLY A 515 -17.57 -12.69 9.37
C GLY A 515 -17.41 -11.30 8.79
N PRO A 516 -17.06 -11.23 7.50
CA PRO A 516 -16.99 -9.93 6.82
C PRO A 516 -18.35 -9.25 6.80
N VAL A 517 -18.34 -7.91 6.84
CA VAL A 517 -19.56 -7.14 6.83
C VAL A 517 -19.38 -5.95 5.90
N LEU A 518 -20.43 -5.61 5.17
CA LEU A 518 -20.48 -4.41 4.35
C LEU A 518 -21.60 -3.53 4.87
N ILE A 519 -21.31 -2.24 5.00
CA ILE A 519 -22.31 -1.24 5.39
C ILE A 519 -22.36 -0.19 4.30
N GLU A 520 -23.51 -0.07 3.64
CA GLU A 520 -23.75 1.00 2.68
C GLU A 520 -24.23 2.24 3.42
N VAL A 521 -23.53 3.36 3.24
CA VAL A 521 -23.77 4.58 4.00
C VAL A 521 -24.25 5.66 3.05
N SER A 522 -25.43 6.21 3.32
CA SER A 522 -25.94 7.33 2.55
C SER A 522 -25.26 8.60 3.02
N THR A 523 -24.42 9.18 2.16
CA THR A 523 -23.67 10.38 2.50
C THR A 523 -24.08 11.55 1.61
N VAL A 524 -23.81 12.76 2.13
CA VAL A 524 -24.14 13.99 1.44
C VAL A 524 -23.14 14.24 0.32
N SER A 525 -23.62 14.81 -0.78
CA SER A 525 -22.77 15.09 -1.91
C SER A 525 -21.65 16.08 -1.53
N PRO A 526 -20.44 15.93 -2.11
CA PRO A 526 -19.28 16.79 -1.86
C PRO A 526 -19.59 18.26 -2.13
N1' TPP B . -9.85 4.55 -12.56
C2' TPP B . -8.83 4.17 -11.78
CM2 TPP B . -8.41 2.74 -11.87
N3' TPP B . -8.16 4.96 -10.94
C4' TPP B . -8.51 6.25 -10.86
N4' TPP B . -7.83 7.02 -10.02
C5' TPP B . -9.60 6.75 -11.64
C6' TPP B . -10.20 5.85 -12.47
C7' TPP B . -10.05 8.19 -11.60
N3 TPP B . -10.62 8.60 -10.30
C2 TPP B . -9.92 9.19 -9.35
S1 TPP B . -10.85 9.55 -8.00
C5 TPP B . -12.26 8.89 -8.74
C4 TPP B . -11.97 8.43 -9.98
CM4 TPP B . -12.90 7.79 -10.95
C6 TPP B . -13.58 8.88 -8.02
C7 TPP B . -13.66 7.86 -6.92
O7 TPP B . -15.06 7.62 -6.61
PA TPP B . -15.65 7.59 -5.15
O1A TPP B . -15.26 6.36 -4.43
O2A TPP B . -17.16 7.86 -5.18
O3A TPP B . -15.04 8.86 -4.50
PB TPP B . -15.52 10.22 -3.86
O1B TPP B . -15.09 10.11 -2.38
O2B TPP B . -14.68 11.28 -4.56
O3B TPP B . -16.98 10.41 -4.05
MG MG C . -18.94 9.09 -4.11
#